data_8P8F
#
_entry.id   8P8F
#
_cell.length_a   60.833
_cell.length_b   60.833
_cell.length_c   217.692
_cell.angle_alpha   90.000
_cell.angle_beta   90.000
_cell.angle_gamma   90.000
#
_symmetry.space_group_name_H-M   'P 43'
#
loop_
_entity.id
_entity.type
_entity.pdbx_description
1 polymer Lipase
2 non-polymer ~{N}-(phenylmethyl)pyridine-2-carboxamide
3 water water
#
_entity_poly.entity_id   1
_entity_poly.type   'polypeptide(L)'
_entity_poly.pdbx_seq_one_letter_code
;MGSSHHHHHHSQDPMTDSTTHYTRPDVAAFLAFLNAQEGPKMEEMPPAGAREMMRVMGQLADVPRGEIAKVEDRMIPGPD
GDIPIRLYDNRPDREAGPVMVFYHGGGWVIGDLETHDPYCAEAARILDMPVIAIDYRLAPEHPFPAAPIDCEAATRWVAD
NIACTGLVLSGDSAGGNLTIVTALALRDEPAAKPVIAIHPIYPAVTTHNDWQSYRDFGEGHLLTEGSMTWFGNHYAADPA
DRRAAPIDFPADGLPPTLLITASLDPLRDQGRAYAAKLIEAGVPTTYREAKGTIHGYICLAQGIPSAKDDIRGALTVLKA
IVAEATGAA
;
_entity_poly.pdbx_strand_id   A,B
#
loop_
_chem_comp.id
_chem_comp.type
_chem_comp.name
_chem_comp.formula
XBW non-polymer ~{N}-(phenylmethyl)pyridine-2-carboxamide 'C13 H12 N2 O'
#
# COMPACT_ATOMS: atom_id res chain seq x y z
N THR A 20 2.22 1.13 28.13
CA THR A 20 1.04 0.44 27.54
C THR A 20 0.96 0.58 25.99
N HIS A 21 0.49 -0.48 25.31
CA HIS A 21 0.29 -0.52 23.86
C HIS A 21 -1.21 -0.65 23.57
N TYR A 22 -1.71 0.04 22.54
CA TYR A 22 -3.11 -0.03 22.21
C TYR A 22 -3.55 -1.47 21.96
N THR A 23 -4.61 -1.89 22.64
CA THR A 23 -5.13 -3.23 22.54
C THR A 23 -6.65 -3.11 22.43
N ARG A 24 -7.26 -3.72 21.43
CA ARG A 24 -8.70 -3.75 21.33
C ARG A 24 -9.27 -4.42 22.58
N PRO A 25 -10.43 -3.97 23.04
CA PRO A 25 -11.06 -4.65 24.18
C PRO A 25 -11.32 -6.14 23.95
N ASP A 26 -11.78 -6.57 22.76
CA ASP A 26 -12.07 -7.98 22.52
C ASP A 26 -10.80 -8.82 22.45
N VAL A 27 -9.68 -8.24 22.02
CA VAL A 27 -8.38 -8.90 22.05
C VAL A 27 -7.95 -9.09 23.51
N ALA A 28 -8.04 -8.02 24.31
CA ALA A 28 -7.66 -8.10 25.74
C ALA A 28 -8.45 -9.19 26.46
N ALA A 29 -9.74 -9.27 26.12
CA ALA A 29 -10.62 -10.25 26.73
C ALA A 29 -10.19 -11.69 26.36
N PHE A 30 -9.78 -11.88 25.12
CA PHE A 30 -9.34 -13.20 24.67
C PHE A 30 -8.02 -13.57 25.32
N LEU A 31 -7.09 -12.61 25.45
CA LEU A 31 -5.80 -12.83 26.07
C LEU A 31 -5.96 -13.20 27.56
N ALA A 32 -6.94 -12.56 28.18
CA ALA A 32 -7.16 -12.85 29.62
C ALA A 32 -7.63 -14.28 29.79
N PHE A 33 -8.56 -14.69 28.93
CA PHE A 33 -9.08 -16.02 28.83
C PHE A 33 -7.96 -17.03 28.65
N LEU A 34 -7.12 -16.79 27.64
CA LEU A 34 -5.99 -17.68 27.35
C LEU A 34 -5.08 -17.82 28.55
N ASN A 35 -4.76 -16.70 29.20
CA ASN A 35 -3.83 -16.68 30.34
C ASN A 35 -4.37 -17.42 31.55
N ALA A 36 -5.70 -17.61 31.63
CA ALA A 36 -6.27 -18.28 32.77
C ALA A 36 -6.30 -19.78 32.54
N GLN A 37 -6.05 -20.23 31.31
CA GLN A 37 -6.23 -21.64 31.00
C GLN A 37 -5.08 -22.43 31.63
N GLU A 38 -5.42 -23.65 31.98
CA GLU A 38 -4.43 -24.51 32.58
C GLU A 38 -4.06 -25.48 31.47
N GLY A 39 -2.88 -26.03 31.59
CA GLY A 39 -2.41 -26.87 30.52
C GLY A 39 -1.01 -26.41 30.18
N PRO A 40 -0.24 -27.24 29.47
CA PRO A 40 1.15 -26.90 29.21
C PRO A 40 1.23 -25.77 28.19
N LYS A 41 2.41 -25.20 28.11
CA LYS A 41 2.83 -24.39 27.00
C LYS A 41 3.22 -25.29 25.83
N MET A 42 2.95 -24.77 24.63
CA MET A 42 3.22 -25.53 23.45
C MET A 42 4.67 -26.00 23.46
N GLU A 43 5.58 -25.16 23.97
CA GLU A 43 7.00 -25.45 23.84
C GLU A 43 7.42 -26.57 24.81
N GLU A 44 6.55 -26.92 25.76
CA GLU A 44 6.85 -28.07 26.61
C GLU A 44 6.40 -29.38 26.00
N MET A 45 5.75 -29.35 24.82
CA MET A 45 5.14 -30.54 24.26
C MET A 45 6.00 -31.13 23.12
N PRO A 46 5.84 -32.42 22.85
CA PRO A 46 6.41 -33.01 21.64
C PRO A 46 5.58 -32.50 20.45
N PRO A 47 6.08 -32.55 19.20
CA PRO A 47 5.34 -32.02 18.05
C PRO A 47 3.92 -32.54 17.88
N ALA A 48 3.65 -33.82 18.02
CA ALA A 48 2.27 -34.29 17.93
C ALA A 48 1.32 -33.63 18.94
N GLY A 49 1.79 -33.33 20.17
CA GLY A 49 0.89 -32.73 21.13
C GLY A 49 0.67 -31.23 20.84
N ALA A 50 1.70 -30.55 20.32
CA ALA A 50 1.59 -29.16 19.88
C ALA A 50 0.57 -29.04 18.74
N ARG A 51 0.60 -30.05 17.88
CA ARG A 51 -0.25 -30.07 16.68
C ARG A 51 -1.68 -30.18 17.14
N GLU A 52 -1.94 -31.02 18.16
CA GLU A 52 -3.26 -31.20 18.71
C GLU A 52 -3.78 -29.92 19.35
N MET A 53 -2.86 -29.21 19.99
CA MET A 53 -3.22 -28.00 20.70
C MET A 53 -3.69 -26.92 19.74
N MET A 54 -3.07 -26.82 18.56
CA MET A 54 -3.53 -25.86 17.59
C MET A 54 -4.89 -26.29 17.03
N ARG A 55 -5.12 -27.58 16.82
CA ARG A 55 -6.41 -28.03 16.31
C ARG A 55 -7.54 -27.72 17.30
N VAL A 56 -7.31 -27.98 18.59
CA VAL A 56 -8.27 -27.70 19.63
C VAL A 56 -8.54 -26.19 19.78
N MET A 57 -7.48 -25.39 19.66
CA MET A 57 -7.60 -23.94 19.72
C MET A 57 -8.59 -23.47 18.63
N GLY A 58 -8.45 -23.97 17.39
CA GLY A 58 -9.29 -23.58 16.24
C GLY A 58 -10.73 -23.98 16.50
N GLN A 59 -10.92 -25.18 17.09
CA GLN A 59 -12.26 -25.65 17.38
C GLN A 59 -12.93 -24.72 18.37
N LEU A 60 -12.18 -24.22 19.35
CA LEU A 60 -12.77 -23.44 20.42
C LEU A 60 -12.94 -21.98 19.99
N ALA A 61 -11.94 -21.45 19.23
CA ALA A 61 -11.83 -20.02 19.08
C ALA A 61 -11.97 -19.56 17.62
N ASP A 62 -12.07 -20.48 16.63
CA ASP A 62 -12.30 -20.06 15.24
C ASP A 62 -13.75 -20.30 14.89
N VAL A 63 -14.19 -19.65 13.77
CA VAL A 63 -15.52 -19.83 13.24
C VAL A 63 -15.54 -21.17 12.55
N PRO A 64 -16.73 -21.69 12.15
CA PRO A 64 -16.79 -22.87 11.32
C PRO A 64 -16.48 -22.57 9.86
N ARG A 65 -16.29 -23.63 9.06
CA ARG A 65 -16.17 -23.50 7.61
C ARG A 65 -17.33 -22.71 6.97
N GLY A 66 -18.58 -22.96 7.40
CA GLY A 66 -19.73 -22.29 6.82
C GLY A 66 -20.04 -22.89 5.46
N GLU A 67 -21.08 -22.38 4.83
CA GLU A 67 -21.55 -22.81 3.51
C GLU A 67 -20.57 -22.48 2.40
N ILE A 68 -20.16 -23.49 1.64
CA ILE A 68 -19.37 -23.28 0.44
C ILE A 68 -19.68 -24.37 -0.58
N ALA A 69 -19.65 -24.01 -1.87
CA ALA A 69 -20.20 -24.90 -2.87
C ALA A 69 -19.35 -26.15 -3.05
N LYS A 70 -18.01 -26.04 -3.13
CA LYS A 70 -17.16 -27.20 -3.39
C LYS A 70 -15.92 -27.16 -2.50
N VAL A 71 -15.69 -28.30 -1.86
CA VAL A 71 -14.41 -28.57 -1.20
C VAL A 71 -13.94 -29.96 -1.61
N GLU A 72 -12.76 -30.07 -2.24
CA GLU A 72 -12.19 -31.35 -2.69
C GLU A 72 -10.77 -31.55 -2.13
N ASP A 73 -10.49 -32.77 -1.65
CA ASP A 73 -9.19 -33.17 -1.18
C ASP A 73 -8.60 -34.08 -2.24
N ARG A 74 -7.29 -33.96 -2.46
CA ARG A 74 -6.57 -34.87 -3.32
C ARG A 74 -5.07 -34.79 -3.06
N MET A 75 -4.37 -35.75 -3.67
CA MET A 75 -2.94 -35.83 -3.57
C MET A 75 -2.36 -35.37 -4.91
N ILE A 76 -1.19 -34.76 -4.88
CA ILE A 76 -0.47 -34.46 -6.09
C ILE A 76 0.93 -35.00 -5.91
N PRO A 77 1.66 -35.26 -7.00
CA PRO A 77 3.04 -35.71 -6.89
C PRO A 77 3.95 -34.59 -6.40
N GLY A 78 4.89 -34.93 -5.51
CA GLY A 78 5.90 -33.97 -5.09
C GLY A 78 7.28 -34.62 -5.11
N PRO A 79 8.36 -33.83 -4.92
CA PRO A 79 9.71 -34.36 -5.02
C PRO A 79 10.07 -35.40 -3.96
N ASP A 80 9.37 -35.41 -2.81
CA ASP A 80 9.59 -36.41 -1.80
C ASP A 80 8.32 -37.26 -1.58
N GLY A 81 7.44 -37.31 -2.56
CA GLY A 81 6.22 -38.09 -2.37
C GLY A 81 5.00 -37.19 -2.51
N ASP A 82 3.83 -37.77 -2.24
CA ASP A 82 2.59 -37.07 -2.44
C ASP A 82 2.47 -35.86 -1.53
N ILE A 83 1.92 -34.79 -2.09
CA ILE A 83 1.58 -33.61 -1.32
C ILE A 83 0.05 -33.52 -1.30
N PRO A 84 -0.57 -33.54 -0.10
CA PRO A 84 -2.00 -33.34 0.06
C PRO A 84 -2.35 -31.86 -0.19
N ILE A 85 -3.42 -31.63 -0.96
CA ILE A 85 -3.94 -30.27 -1.12
C ILE A 85 -5.45 -30.30 -0.87
N ARG A 86 -6.05 -29.10 -0.67
CA ARG A 86 -7.47 -28.98 -0.58
C ARG A 86 -7.92 -27.76 -1.42
N LEU A 87 -8.91 -28.02 -2.31
CA LEU A 87 -9.45 -27.01 -3.17
C LEU A 87 -10.79 -26.55 -2.62
N TYR A 88 -10.94 -25.25 -2.45
CA TYR A 88 -12.18 -24.58 -2.07
C TYR A 88 -12.68 -23.72 -3.25
N ASP A 89 -13.95 -23.80 -3.60
CA ASP A 89 -14.50 -22.89 -4.62
C ASP A 89 -15.97 -22.69 -4.34
N ASN A 90 -16.40 -21.43 -4.24
CA ASN A 90 -17.79 -21.16 -4.02
C ASN A 90 -18.52 -20.94 -5.35
N ARG A 91 -17.85 -21.09 -6.49
CA ARG A 91 -18.51 -20.92 -7.78
C ARG A 91 -17.83 -21.78 -8.83
N PRO A 92 -17.95 -23.12 -8.67
CA PRO A 92 -17.14 -24.09 -9.41
C PRO A 92 -17.35 -24.10 -10.94
N ASP A 93 -18.44 -23.55 -11.45
CA ASP A 93 -18.66 -23.51 -12.89
C ASP A 93 -18.13 -22.20 -13.50
N ARG A 94 -17.34 -21.45 -12.71
CA ARG A 94 -16.64 -20.28 -13.21
C ARG A 94 -15.86 -20.59 -14.51
N GLU A 95 -15.63 -19.57 -15.33
CA GLU A 95 -14.61 -19.60 -16.37
C GLU A 95 -13.27 -19.55 -15.65
N ALA A 96 -12.22 -20.00 -16.31
CA ALA A 96 -10.90 -19.97 -15.71
C ALA A 96 -10.51 -18.51 -15.40
N GLY A 97 -10.03 -18.34 -14.17
CA GLY A 97 -9.61 -17.04 -13.69
C GLY A 97 -8.41 -17.23 -12.79
N PRO A 98 -8.04 -16.22 -12.01
CA PRO A 98 -6.95 -16.40 -11.05
C PRO A 98 -7.39 -17.42 -10.02
N VAL A 99 -6.38 -18.05 -9.47
CA VAL A 99 -6.52 -19.05 -8.44
C VAL A 99 -5.55 -18.68 -7.34
N MET A 100 -6.01 -18.86 -6.10
CA MET A 100 -5.18 -18.61 -4.94
C MET A 100 -4.56 -19.92 -4.48
N VAL A 101 -3.24 -19.90 -4.21
CA VAL A 101 -2.54 -20.98 -3.53
C VAL A 101 -2.16 -20.45 -2.16
N PHE A 102 -2.59 -21.17 -1.11
CA PHE A 102 -2.48 -20.78 0.28
C PHE A 102 -1.58 -21.75 1.07
N TYR A 103 -0.68 -21.18 1.90
CA TYR A 103 0.28 -21.93 2.70
C TYR A 103 0.06 -21.56 4.16
N HIS A 104 -0.42 -22.51 4.95
CA HIS A 104 -0.78 -22.25 6.36
C HIS A 104 0.47 -21.98 7.20
N GLY A 105 0.26 -21.33 8.34
CA GLY A 105 1.31 -21.07 9.29
C GLY A 105 1.27 -22.17 10.35
N GLY A 106 2.05 -21.95 11.41
CA GLY A 106 2.33 -22.97 12.41
C GLY A 106 3.82 -23.20 12.60
N GLY A 107 4.62 -22.18 12.32
CA GLY A 107 6.09 -22.17 12.51
C GLY A 107 6.84 -23.33 11.87
N TRP A 108 6.34 -23.82 10.73
CA TRP A 108 6.91 -24.92 9.94
C TRP A 108 6.89 -26.26 10.68
N VAL A 109 6.15 -26.32 11.79
CA VAL A 109 6.05 -27.51 12.60
C VAL A 109 4.61 -27.98 12.78
N ILE A 110 3.69 -27.07 13.02
CA ILE A 110 2.29 -27.38 13.29
C ILE A 110 1.39 -26.80 12.17
N GLY A 111 0.08 -26.98 12.33
CA GLY A 111 -0.89 -26.59 11.31
C GLY A 111 -1.07 -27.63 10.22
N ASP A 112 -2.27 -27.61 9.61
CA ASP A 112 -2.60 -28.54 8.56
C ASP A 112 -3.78 -28.02 7.77
N LEU A 113 -4.43 -28.89 6.99
CA LEU A 113 -5.55 -28.42 6.16
C LEU A 113 -6.77 -28.13 7.01
N GLU A 114 -6.85 -28.64 8.26
CA GLU A 114 -8.00 -28.40 9.12
C GLU A 114 -7.85 -27.10 9.91
N THR A 115 -6.62 -26.74 10.37
CA THR A 115 -6.45 -25.60 11.24
C THR A 115 -6.83 -24.31 10.53
N HIS A 116 -6.59 -24.21 9.22
CA HIS A 116 -6.82 -22.97 8.47
C HIS A 116 -8.01 -23.12 7.53
N ASP A 117 -8.81 -24.20 7.76
CA ASP A 117 -9.97 -24.48 6.93
C ASP A 117 -10.94 -23.31 6.93
N PRO A 118 -11.44 -22.80 8.09
CA PRO A 118 -12.41 -21.70 8.09
C PRO A 118 -11.95 -20.47 7.27
N TYR A 119 -10.65 -20.09 7.42
CA TYR A 119 -10.13 -18.93 6.75
C TYR A 119 -10.14 -19.15 5.25
N CYS A 120 -9.70 -20.32 4.80
CA CYS A 120 -9.67 -20.68 3.38
C CYS A 120 -11.05 -20.61 2.77
N ALA A 121 -12.07 -21.07 3.48
CA ALA A 121 -13.41 -21.09 2.96
C ALA A 121 -13.91 -19.65 2.85
N GLU A 122 -13.59 -18.83 3.86
CA GLU A 122 -13.94 -17.43 3.82
C GLU A 122 -13.26 -16.73 2.65
N ALA A 123 -11.94 -16.95 2.49
CA ALA A 123 -11.15 -16.37 1.39
C ALA A 123 -11.82 -16.70 0.06
N ALA A 124 -12.32 -17.94 -0.07
CA ALA A 124 -12.91 -18.36 -1.34
C ALA A 124 -14.18 -17.59 -1.58
N ARG A 125 -15.00 -17.45 -0.53
CA ARG A 125 -16.26 -16.72 -0.61
C ARG A 125 -16.06 -15.26 -0.96
N ILE A 126 -15.09 -14.61 -0.30
CA ILE A 126 -14.93 -13.17 -0.44
C ILE A 126 -14.26 -12.88 -1.78
N LEU A 127 -13.24 -13.66 -2.16
CA LEU A 127 -12.43 -13.36 -3.33
C LEU A 127 -13.15 -13.82 -4.58
N ASP A 128 -14.06 -14.82 -4.45
CA ASP A 128 -14.71 -15.40 -5.63
C ASP A 128 -13.64 -15.91 -6.61
N MET A 129 -12.65 -16.59 -6.06
CA MET A 129 -11.72 -17.36 -6.83
C MET A 129 -11.52 -18.67 -6.08
N PRO A 130 -11.04 -19.74 -6.76
CA PRO A 130 -10.69 -20.96 -6.06
C PRO A 130 -9.50 -20.73 -5.14
N VAL A 131 -9.49 -21.38 -4.00
CA VAL A 131 -8.35 -21.37 -3.09
C VAL A 131 -7.87 -22.81 -2.93
N ILE A 132 -6.56 -22.99 -3.05
CA ILE A 132 -5.95 -24.32 -2.99
C ILE A 132 -4.93 -24.26 -1.85
N ALA A 133 -5.26 -24.87 -0.72
CA ALA A 133 -4.37 -24.98 0.41
C ALA A 133 -3.43 -26.17 0.28
N ILE A 134 -2.11 -25.95 0.57
CA ILE A 134 -1.04 -26.93 0.53
C ILE A 134 -0.75 -27.52 1.91
N ASP A 135 -0.80 -28.85 2.03
CA ASP A 135 -0.35 -29.52 3.25
C ASP A 135 1.11 -29.91 3.12
N TYR A 136 1.99 -28.94 3.26
CA TYR A 136 3.41 -29.14 2.98
C TYR A 136 4.06 -29.87 4.16
N ARG A 137 5.23 -30.46 3.86
CA ARG A 137 5.94 -31.24 4.87
C ARG A 137 6.39 -30.33 6.00
N LEU A 138 6.29 -30.88 7.22
CA LEU A 138 6.54 -30.22 8.48
C LEU A 138 7.80 -30.76 9.17
N ALA A 139 8.45 -29.86 9.86
CA ALA A 139 9.53 -30.19 10.78
C ALA A 139 8.96 -30.62 12.11
N PRO A 140 9.72 -31.33 12.98
CA PRO A 140 11.11 -31.75 12.72
C PRO A 140 11.31 -33.03 11.89
N GLU A 141 10.20 -33.69 11.52
CA GLU A 141 10.31 -34.91 10.73
C GLU A 141 10.94 -34.56 9.40
N HIS A 142 10.65 -33.38 8.88
CA HIS A 142 11.19 -32.91 7.62
C HIS A 142 11.64 -31.49 7.87
N PRO A 143 12.91 -31.26 8.22
CA PRO A 143 13.35 -29.91 8.49
C PRO A 143 13.53 -29.12 7.19
N PHE A 144 13.80 -27.83 7.39
CA PHE A 144 14.25 -26.94 6.31
C PHE A 144 15.20 -27.72 5.41
N PRO A 145 15.11 -27.64 4.06
CA PRO A 145 14.11 -26.85 3.33
C PRO A 145 12.93 -27.60 2.69
N ALA A 146 12.39 -28.58 3.41
CA ALA A 146 11.29 -29.37 2.92
C ALA A 146 10.07 -28.51 2.64
N ALA A 147 9.65 -27.70 3.61
CA ALA A 147 8.53 -26.78 3.41
C ALA A 147 8.67 -25.99 2.10
N PRO A 148 9.70 -25.16 1.84
CA PRO A 148 9.73 -24.42 0.58
C PRO A 148 9.83 -25.27 -0.66
N ILE A 149 10.42 -26.46 -0.54
CA ILE A 149 10.46 -27.36 -1.67
C ILE A 149 9.06 -27.84 -2.05
N ASP A 150 8.28 -28.20 -1.03
CA ASP A 150 6.92 -28.65 -1.29
C ASP A 150 6.05 -27.52 -1.82
N CYS A 151 6.18 -26.32 -1.19
CA CYS A 151 5.33 -25.23 -1.61
C CYS A 151 5.61 -24.86 -3.05
N GLU A 152 6.89 -24.80 -3.42
CA GLU A 152 7.25 -24.46 -4.79
C GLU A 152 6.69 -25.49 -5.77
N ALA A 153 6.88 -26.77 -5.44
CA ALA A 153 6.42 -27.83 -6.32
C ALA A 153 4.89 -27.82 -6.46
N ALA A 154 4.14 -27.71 -5.35
CA ALA A 154 2.69 -27.68 -5.41
C ALA A 154 2.14 -26.49 -6.22
N THR A 155 2.84 -25.35 -6.14
CA THR A 155 2.44 -24.15 -6.85
C THR A 155 2.67 -24.34 -8.36
N ARG A 156 3.82 -24.92 -8.76
CA ARG A 156 4.11 -25.21 -10.17
C ARG A 156 3.09 -26.22 -10.69
N TRP A 157 2.68 -27.15 -9.83
CA TRP A 157 1.69 -28.16 -10.19
C TRP A 157 0.36 -27.51 -10.50
N VAL A 158 -0.05 -26.56 -9.65
CA VAL A 158 -1.32 -25.86 -9.87
C VAL A 158 -1.27 -25.15 -11.22
N ALA A 159 -0.17 -24.47 -11.48
CA ALA A 159 -0.02 -23.74 -12.73
C ALA A 159 -0.07 -24.67 -13.96
N ASP A 160 0.44 -25.88 -13.77
CA ASP A 160 0.55 -26.86 -14.85
C ASP A 160 -0.78 -27.58 -15.11
N ASN A 161 -1.65 -27.67 -14.10
CA ASN A 161 -2.74 -28.63 -14.07
C ASN A 161 -4.11 -28.07 -13.80
N ILE A 162 -4.24 -26.86 -13.20
CA ILE A 162 -5.52 -26.38 -12.74
C ILE A 162 -5.95 -25.28 -13.68
N ALA A 163 -7.25 -25.23 -14.04
CA ALA A 163 -7.73 -24.25 -15.01
C ALA A 163 -7.58 -22.86 -14.36
N CYS A 164 -6.70 -22.01 -14.91
CA CYS A 164 -6.48 -20.68 -14.35
C CYS A 164 -5.74 -19.78 -15.34
N THR A 165 -5.80 -18.45 -15.09
CA THR A 165 -5.07 -17.45 -15.86
C THR A 165 -3.84 -16.90 -15.11
N GLY A 166 -3.78 -17.16 -13.82
CA GLY A 166 -2.71 -16.64 -13.01
C GLY A 166 -2.92 -17.09 -11.56
N LEU A 167 -1.89 -16.89 -10.79
CA LEU A 167 -1.79 -17.34 -9.40
C LEU A 167 -1.77 -16.13 -8.46
N VAL A 168 -2.36 -16.35 -7.27
CA VAL A 168 -2.32 -15.41 -6.17
C VAL A 168 -1.82 -16.17 -4.95
N LEU A 169 -0.58 -15.87 -4.52
CA LEU A 169 0.01 -16.62 -3.43
C LEU A 169 -0.28 -15.95 -2.11
N SER A 170 -0.63 -16.73 -1.06
CA SER A 170 -0.94 -16.12 0.24
C SER A 170 -0.69 -17.15 1.33
N GLY A 171 -0.49 -16.65 2.54
CA GLY A 171 -0.23 -17.46 3.70
C GLY A 171 0.19 -16.64 4.92
N ASP A 172 0.10 -17.26 6.09
CA ASP A 172 0.15 -16.59 7.38
C ASP A 172 1.36 -17.04 8.19
N SER A 173 2.18 -16.12 8.62
CA SER A 173 3.34 -16.39 9.53
C SER A 173 4.42 -17.20 8.80
N ALA A 174 4.65 -18.47 9.15
CA ALA A 174 5.49 -19.38 8.35
C ALA A 174 5.04 -19.43 6.89
N GLY A 175 3.70 -19.49 6.71
CA GLY A 175 3.10 -19.47 5.38
C GLY A 175 3.27 -18.16 4.64
N GLY A 176 3.43 -17.09 5.39
CA GLY A 176 3.78 -15.81 4.84
C GLY A 176 5.21 -15.80 4.32
N ASN A 177 6.11 -16.37 5.09
CA ASN A 177 7.44 -16.64 4.54
C ASN A 177 7.33 -17.48 3.26
N LEU A 178 6.52 -18.53 3.29
CA LEU A 178 6.47 -19.43 2.13
C LEU A 178 5.88 -18.74 0.90
N THR A 179 4.90 -17.83 1.10
CA THR A 179 4.40 -16.95 0.05
C THR A 179 5.52 -16.18 -0.63
N ILE A 180 6.33 -15.44 0.14
CA ILE A 180 7.40 -14.59 -0.39
C ILE A 180 8.46 -15.42 -1.11
N VAL A 181 8.84 -16.50 -0.44
CA VAL A 181 9.90 -17.39 -0.90
C VAL A 181 9.48 -18.04 -2.19
N THR A 182 8.23 -18.52 -2.29
CA THR A 182 7.74 -19.13 -3.50
C THR A 182 7.59 -18.13 -4.64
N ALA A 183 7.12 -16.89 -4.29
CA ALA A 183 7.11 -15.78 -5.22
C ALA A 183 8.47 -15.50 -5.82
N LEU A 184 9.50 -15.44 -5.02
CA LEU A 184 10.86 -15.23 -5.48
C LEU A 184 11.34 -16.36 -6.38
N ALA A 185 11.00 -17.61 -6.03
CA ALA A 185 11.46 -18.71 -6.86
C ALA A 185 10.79 -18.63 -8.23
N LEU A 186 9.52 -18.25 -8.29
CA LEU A 186 8.76 -18.20 -9.52
C LEU A 186 9.13 -16.94 -10.31
N ARG A 187 9.54 -15.87 -9.62
CA ARG A 187 10.11 -14.75 -10.33
C ARG A 187 11.33 -15.18 -11.12
N ASP A 188 12.26 -15.92 -10.50
CA ASP A 188 13.53 -16.30 -11.11
C ASP A 188 13.35 -17.37 -12.18
N GLU A 189 12.39 -18.29 -11.95
CA GLU A 189 12.06 -19.34 -12.90
C GLU A 189 10.54 -19.43 -13.04
N PRO A 190 9.91 -18.71 -13.99
CA PRO A 190 8.44 -18.67 -14.14
C PRO A 190 7.79 -20.04 -14.20
N ALA A 191 6.63 -20.15 -13.55
CA ALA A 191 5.73 -21.26 -13.75
C ALA A 191 4.96 -21.02 -15.05
N ALA A 192 4.15 -22.01 -15.43
CA ALA A 192 3.38 -21.93 -16.67
C ALA A 192 2.38 -20.78 -16.66
N LYS A 193 2.08 -20.24 -15.45
CA LYS A 193 1.19 -19.11 -15.29
C LYS A 193 1.90 -18.11 -14.39
N PRO A 194 1.64 -16.80 -14.58
CA PRO A 194 2.33 -15.77 -13.79
C PRO A 194 1.70 -15.67 -12.39
N VAL A 195 2.49 -15.23 -11.43
CA VAL A 195 1.96 -14.81 -10.15
C VAL A 195 1.48 -13.36 -10.30
N ILE A 196 0.18 -13.14 -10.17
CA ILE A 196 -0.36 -11.81 -10.36
C ILE A 196 -0.38 -10.95 -9.11
N ALA A 197 -0.33 -11.58 -7.91
CA ALA A 197 -0.31 -10.82 -6.67
C ALA A 197 0.00 -11.78 -5.55
N ILE A 198 0.60 -11.25 -4.47
CA ILE A 198 0.83 -12.04 -3.28
C ILE A 198 0.25 -11.34 -2.07
N HIS A 199 -0.07 -12.17 -1.06
CA HIS A 199 -0.65 -11.65 0.15
C HIS A 199 -0.07 -12.39 1.37
N PRO A 200 1.15 -12.03 1.79
CA PRO A 200 1.70 -12.52 3.04
C PRO A 200 0.99 -11.88 4.22
N ILE A 201 0.55 -12.72 5.16
CA ILE A 201 -0.18 -12.30 6.34
C ILE A 201 0.69 -12.51 7.61
N TYR A 202 0.93 -11.44 8.38
CA TYR A 202 1.91 -11.36 9.47
C TYR A 202 3.09 -12.29 9.25
N PRO A 203 3.81 -12.12 8.12
CA PRO A 203 4.87 -13.06 7.76
C PRO A 203 6.15 -12.96 8.62
N ALA A 204 6.88 -14.10 8.68
CA ALA A 204 8.30 -14.12 9.04
C ALA A 204 9.09 -13.93 7.76
N VAL A 205 10.13 -13.11 7.81
CA VAL A 205 11.00 -12.86 6.64
C VAL A 205 12.47 -12.97 7.02
N THR A 206 12.75 -13.28 8.28
CA THR A 206 14.13 -13.44 8.71
C THR A 206 14.20 -14.41 9.87
N THR A 207 15.43 -14.81 10.28
CA THR A 207 15.51 -15.75 11.40
C THR A 207 15.88 -15.04 12.69
N HIS A 208 16.26 -13.77 12.66
CA HIS A 208 16.79 -13.14 13.86
C HIS A 208 15.68 -12.38 14.60
N ASN A 209 15.91 -12.12 15.89
CA ASN A 209 14.94 -11.51 16.79
C ASN A 209 15.29 -10.08 17.17
N ASP A 210 16.23 -9.45 16.46
CA ASP A 210 16.64 -8.10 16.83
C ASP A 210 15.65 -7.04 16.30
N TRP A 211 14.48 -7.00 16.94
CA TRP A 211 13.35 -6.17 16.58
C TRP A 211 12.73 -5.66 17.86
N GLN A 212 12.36 -4.38 17.87
CA GLN A 212 11.70 -3.81 19.03
C GLN A 212 10.39 -4.53 19.31
N SER A 213 9.60 -4.87 18.26
CA SER A 213 8.35 -5.59 18.43
C SER A 213 8.52 -6.95 19.13
N TYR A 214 9.65 -7.62 18.94
CA TYR A 214 9.93 -8.88 19.58
C TYR A 214 10.15 -8.62 21.08
N ARG A 215 10.86 -7.56 21.42
CA ARG A 215 11.13 -7.23 22.83
C ARG A 215 9.86 -6.75 23.52
N ASP A 216 8.97 -6.09 22.75
CA ASP A 216 7.75 -5.52 23.32
C ASP A 216 6.66 -6.60 23.45
N PHE A 217 6.55 -7.54 22.50
CA PHE A 217 5.34 -8.38 22.42
C PHE A 217 5.64 -9.85 22.55
N GLY A 218 6.89 -10.20 22.87
CA GLY A 218 7.32 -11.60 22.97
C GLY A 218 6.82 -12.33 24.23
N GLU A 219 6.08 -11.66 25.10
CA GLU A 219 5.33 -12.28 26.20
C GLU A 219 3.89 -11.79 26.23
N GLY A 220 2.97 -12.70 26.50
CA GLY A 220 1.60 -12.38 26.82
C GLY A 220 0.73 -12.11 25.59
N HIS A 221 1.23 -12.33 24.38
CA HIS A 221 0.49 -12.03 23.15
C HIS A 221 0.48 -13.22 22.19
N LEU A 222 0.28 -14.41 22.77
CA LEU A 222 0.05 -15.69 22.12
C LEU A 222 1.33 -16.23 21.51
N LEU A 223 1.93 -15.54 20.54
CA LEU A 223 3.21 -15.97 19.96
C LEU A 223 4.32 -15.48 20.87
N THR A 224 4.94 -16.41 21.59
CA THR A 224 5.96 -16.02 22.57
C THR A 224 7.39 -16.35 22.14
N GLU A 225 8.37 -15.74 22.84
CA GLU A 225 9.79 -16.05 22.72
C GLU A 225 10.02 -17.56 22.76
N GLY A 226 9.43 -18.20 23.76
CA GLY A 226 9.52 -19.65 23.93
C GLY A 226 9.02 -20.45 22.72
N SER A 227 7.83 -20.11 22.20
CA SER A 227 7.25 -20.75 21.06
C SER A 227 8.16 -20.58 19.84
N MET A 228 8.58 -19.37 19.62
CA MET A 228 9.44 -19.00 18.49
C MET A 228 10.77 -19.75 18.53
N THR A 229 11.35 -19.90 19.75
CA THR A 229 12.56 -20.68 19.87
C THR A 229 12.32 -22.16 19.50
N TRP A 230 11.21 -22.71 19.99
CA TRP A 230 10.88 -24.12 19.77
C TRP A 230 10.67 -24.40 18.27
N PHE A 231 9.91 -23.54 17.61
CA PHE A 231 9.71 -23.66 16.17
C PHE A 231 11.05 -23.60 15.45
N GLY A 232 11.88 -22.58 15.77
CA GLY A 232 13.15 -22.36 15.07
C GLY A 232 14.09 -23.53 15.17
N ASN A 233 14.13 -24.12 16.36
CA ASN A 233 14.99 -25.26 16.69
C ASN A 233 14.57 -26.50 15.89
N HIS A 234 13.25 -26.74 15.78
CA HIS A 234 12.70 -27.85 15.05
C HIS A 234 12.91 -27.66 13.53
N TYR A 235 12.70 -26.45 13.02
CA TYR A 235 12.84 -26.21 11.56
C TYR A 235 14.29 -26.27 11.10
N ALA A 236 15.22 -25.79 11.94
CA ALA A 236 16.65 -25.81 11.64
C ALA A 236 16.96 -25.17 10.27
N ALA A 237 16.53 -23.91 10.11
CA ALA A 237 16.71 -23.17 8.87
C ALA A 237 18.16 -22.72 8.77
N ASP A 238 18.66 -22.61 7.53
CA ASP A 238 19.99 -22.06 7.29
C ASP A 238 19.82 -20.55 7.15
N PRO A 239 20.30 -19.70 8.11
CA PRO A 239 20.07 -18.26 8.00
C PRO A 239 20.60 -17.57 6.73
N ALA A 240 21.53 -18.19 5.99
CA ALA A 240 22.13 -17.55 4.82
C ALA A 240 21.35 -17.85 3.55
N ASP A 241 20.28 -18.66 3.64
CA ASP A 241 19.58 -19.18 2.49
C ASP A 241 18.36 -18.27 2.28
N ARG A 242 18.14 -17.84 1.04
CA ARG A 242 17.06 -16.92 0.71
C ARG A 242 15.70 -17.48 1.19
N ARG A 243 15.55 -18.82 1.19
CA ARG A 243 14.29 -19.43 1.58
C ARG A 243 14.02 -19.34 3.10
N ALA A 244 15.05 -19.03 3.89
CA ALA A 244 14.90 -18.73 5.32
C ALA A 244 14.83 -17.22 5.62
N ALA A 245 15.52 -16.37 4.84
CA ALA A 245 15.72 -14.97 5.15
C ALA A 245 15.52 -14.13 3.89
N PRO A 246 14.30 -14.05 3.35
CA PRO A 246 14.09 -13.32 2.09
C PRO A 246 14.39 -11.84 2.22
N ILE A 247 14.27 -11.31 3.43
CA ILE A 247 14.61 -9.89 3.64
C ILE A 247 16.07 -9.61 3.24
N ASP A 248 16.93 -10.62 3.14
CA ASP A 248 18.35 -10.38 2.84
C ASP A 248 18.65 -10.48 1.33
N PHE A 249 17.63 -10.64 0.52
CA PHE A 249 17.87 -10.75 -0.92
C PHE A 249 16.96 -9.80 -1.70
N PRO A 250 17.38 -9.37 -2.92
CA PRO A 250 16.65 -8.36 -3.67
C PRO A 250 15.19 -8.76 -3.93
N ALA A 251 14.30 -7.77 -3.84
CA ALA A 251 12.87 -7.97 -3.98
C ALA A 251 12.38 -7.40 -5.31
N ASP A 252 13.29 -6.86 -6.14
CA ASP A 252 12.89 -6.24 -7.41
C ASP A 252 12.13 -7.26 -8.26
N GLY A 253 11.04 -6.82 -8.92
CA GLY A 253 10.35 -7.68 -9.88
C GLY A 253 9.35 -8.63 -9.24
N LEU A 254 9.17 -8.58 -7.90
CA LEU A 254 8.08 -9.34 -7.34
C LEU A 254 6.72 -8.79 -7.73
N PRO A 255 5.67 -9.60 -7.59
CA PRO A 255 4.31 -9.17 -7.94
C PRO A 255 3.73 -8.15 -6.95
N PRO A 256 2.63 -7.49 -7.32
CA PRO A 256 1.92 -6.55 -6.47
C PRO A 256 1.62 -7.30 -5.15
N THR A 257 1.96 -6.66 -4.05
CA THR A 257 1.91 -7.29 -2.72
C THR A 257 0.89 -6.58 -1.83
N LEU A 258 0.06 -7.35 -1.12
CA LEU A 258 -0.65 -6.86 0.02
C LEU A 258 -0.05 -7.49 1.26
N LEU A 259 0.61 -6.71 2.13
CA LEU A 259 1.23 -7.31 3.31
C LEU A 259 0.53 -6.69 4.50
N ILE A 260 0.09 -7.55 5.42
CA ILE A 260 -0.57 -7.12 6.63
C ILE A 260 0.18 -7.65 7.85
N THR A 261 0.26 -6.76 8.82
CA THR A 261 0.80 -7.11 10.13
C THR A 261 -0.26 -6.92 11.20
N ALA A 262 0.07 -7.43 12.40
CA ALA A 262 -0.70 -7.20 13.62
C ALA A 262 0.14 -6.38 14.59
N SER A 263 -0.43 -5.32 15.11
CA SER A 263 0.31 -4.28 15.80
C SER A 263 0.95 -4.85 17.09
N LEU A 264 0.41 -5.94 17.68
CA LEU A 264 0.96 -6.49 18.95
C LEU A 264 1.75 -7.79 18.69
N ASP A 265 2.19 -8.01 17.45
CA ASP A 265 2.92 -9.21 17.06
C ASP A 265 4.44 -8.98 17.16
N PRO A 266 5.19 -9.90 17.79
CA PRO A 266 6.64 -9.86 17.71
C PRO A 266 7.20 -9.79 16.27
N LEU A 267 6.47 -10.33 15.31
CA LEU A 267 6.86 -10.26 13.90
C LEU A 267 6.52 -8.96 13.18
N ARG A 268 5.90 -8.02 13.89
CA ARG A 268 5.38 -6.85 13.21
C ARG A 268 6.48 -6.07 12.45
N ASP A 269 7.60 -5.82 13.15
CA ASP A 269 8.60 -4.93 12.65
C ASP A 269 9.25 -5.52 11.41
N GLN A 270 9.41 -6.84 11.38
CA GLN A 270 10.03 -7.39 10.19
C GLN A 270 9.08 -7.30 9.00
N GLY A 271 7.78 -7.46 9.26
CA GLY A 271 6.75 -7.26 8.27
C GLY A 271 6.84 -5.84 7.68
N ARG A 272 6.85 -4.86 8.54
CA ARG A 272 7.04 -3.48 8.12
C ARG A 272 8.31 -3.36 7.30
N ALA A 273 9.43 -3.96 7.77
CA ALA A 273 10.71 -3.83 7.09
C ALA A 273 10.62 -4.42 5.69
N TYR A 274 9.92 -5.56 5.55
CA TYR A 274 9.78 -6.21 4.26
C TYR A 274 8.95 -5.36 3.30
N ALA A 275 7.83 -4.82 3.77
CA ALA A 275 6.98 -3.95 2.97
C ALA A 275 7.76 -2.73 2.50
N ALA A 276 8.57 -2.16 3.40
CA ALA A 276 9.44 -1.05 3.03
C ALA A 276 10.42 -1.43 1.93
N LYS A 277 11.03 -2.63 2.02
CA LYS A 277 11.98 -3.11 1.04
C LYS A 277 11.33 -3.23 -0.32
N LEU A 278 10.12 -3.76 -0.37
CA LEU A 278 9.40 -3.93 -1.60
C LEU A 278 9.21 -2.58 -2.29
N ILE A 279 8.80 -1.58 -1.52
CA ILE A 279 8.60 -0.24 -2.09
C ILE A 279 9.87 0.34 -2.64
N GLU A 280 10.91 0.21 -1.83
CA GLU A 280 12.24 0.68 -2.26
C GLU A 280 12.74 -0.04 -3.52
N ALA A 281 12.22 -1.23 -3.79
CA ALA A 281 12.48 -1.96 -5.03
C ALA A 281 11.49 -1.68 -6.15
N GLY A 282 10.56 -0.77 -5.96
CA GLY A 282 9.64 -0.43 -7.03
C GLY A 282 8.46 -1.41 -7.14
N VAL A 283 8.25 -2.25 -6.13
CA VAL A 283 7.11 -3.15 -6.15
C VAL A 283 5.86 -2.47 -5.61
N PRO A 284 4.70 -2.49 -6.36
CA PRO A 284 3.44 -1.91 -5.90
C PRO A 284 2.99 -2.71 -4.66
N THR A 285 2.76 -2.00 -3.60
CA THR A 285 2.69 -2.60 -2.23
C THR A 285 1.60 -1.88 -1.46
N THR A 286 0.67 -2.64 -0.89
CA THR A 286 -0.29 -2.15 0.04
C THR A 286 0.00 -2.72 1.42
N TYR A 287 0.23 -1.81 2.35
CA TYR A 287 0.58 -2.19 3.73
C TYR A 287 -0.62 -1.92 4.59
N ARG A 288 -1.10 -2.93 5.32
CA ARG A 288 -2.13 -2.78 6.29
C ARG A 288 -1.57 -3.22 7.65
N GLU A 289 -2.01 -2.58 8.71
CA GLU A 289 -1.58 -2.99 10.04
C GLU A 289 -2.86 -3.08 10.89
N ALA A 290 -3.15 -4.27 11.37
CA ALA A 290 -4.33 -4.52 12.21
C ALA A 290 -4.07 -4.01 13.63
N LYS A 291 -4.60 -2.84 13.90
CA LYS A 291 -4.21 -2.11 15.07
C LYS A 291 -4.95 -2.68 16.28
N GLY A 292 -4.15 -2.96 17.30
CA GLY A 292 -4.69 -3.47 18.55
C GLY A 292 -4.98 -4.95 18.62
N THR A 293 -4.40 -5.75 17.73
CA THR A 293 -4.62 -7.18 17.74
C THR A 293 -3.29 -7.89 17.58
N ILE A 294 -3.38 -9.22 17.57
CA ILE A 294 -2.27 -10.13 17.83
C ILE A 294 -1.94 -11.01 16.63
N HIS A 295 -0.72 -11.53 16.64
CA HIS A 295 -0.37 -12.71 15.84
C HIS A 295 -1.45 -13.81 15.90
N GLY A 296 -1.83 -14.27 14.69
CA GLY A 296 -2.67 -15.47 14.55
C GLY A 296 -4.14 -15.18 14.45
N TYR A 297 -4.57 -13.90 14.35
CA TYR A 297 -6.00 -13.57 14.42
C TYR A 297 -6.77 -14.29 13.32
N ILE A 298 -6.14 -14.60 12.14
CA ILE A 298 -7.00 -15.15 11.07
C ILE A 298 -7.59 -16.52 11.45
N CYS A 299 -7.05 -17.23 12.45
CA CYS A 299 -7.69 -18.45 12.96
C CYS A 299 -8.38 -18.26 14.32
N LEU A 300 -8.77 -17.02 14.66
CA LEU A 300 -9.30 -16.76 16.00
C LEU A 300 -10.56 -15.94 15.87
N ALA A 301 -11.36 -16.13 14.80
CA ALA A 301 -12.41 -15.16 14.54
C ALA A 301 -13.69 -15.35 15.35
N GLN A 302 -13.78 -16.42 16.13
CA GLN A 302 -14.87 -16.55 17.10
C GLN A 302 -14.46 -16.00 18.48
N GLY A 303 -13.22 -16.26 18.89
CA GLY A 303 -12.73 -15.76 20.15
C GLY A 303 -12.40 -14.27 20.17
N ILE A 304 -11.99 -13.72 18.98
CA ILE A 304 -11.75 -12.30 18.75
C ILE A 304 -12.66 -11.87 17.59
N PRO A 305 -13.92 -11.51 17.85
CA PRO A 305 -14.86 -11.12 16.80
C PRO A 305 -14.34 -10.06 15.83
N SER A 306 -13.51 -9.11 16.33
CA SER A 306 -12.94 -8.05 15.50
C SER A 306 -12.03 -8.62 14.41
N ALA A 307 -11.56 -9.89 14.54
CA ALA A 307 -10.80 -10.52 13.48
C ALA A 307 -11.62 -10.65 12.19
N LYS A 308 -12.96 -10.77 12.26
CA LYS A 308 -13.73 -10.88 11.06
C LYS A 308 -13.55 -9.66 10.15
N ASP A 309 -13.42 -8.49 10.79
CA ASP A 309 -13.22 -7.23 10.14
C ASP A 309 -11.83 -7.15 9.54
N ASP A 310 -10.80 -7.60 10.28
CA ASP A 310 -9.44 -7.65 9.73
C ASP A 310 -9.33 -8.59 8.52
N ILE A 311 -10.06 -9.72 8.58
CA ILE A 311 -10.09 -10.65 7.45
C ILE A 311 -10.77 -10.01 6.24
N ARG A 312 -12.02 -9.60 6.42
CA ARG A 312 -12.82 -9.00 5.36
C ARG A 312 -12.13 -7.80 4.76
N GLY A 313 -11.55 -6.93 5.62
CA GLY A 313 -10.92 -5.72 5.12
C GLY A 313 -9.73 -6.01 4.19
N ALA A 314 -8.89 -6.99 4.58
CA ALA A 314 -7.74 -7.40 3.81
C ALA A 314 -8.21 -7.99 2.45
N LEU A 315 -9.20 -8.91 2.51
CA LEU A 315 -9.55 -9.67 1.33
C LEU A 315 -10.31 -8.79 0.36
N THR A 316 -11.02 -7.77 0.88
CA THR A 316 -11.65 -6.82 -0.01
C THR A 316 -10.60 -6.12 -0.88
N VAL A 317 -9.53 -5.64 -0.20
CA VAL A 317 -8.42 -4.93 -0.82
C VAL A 317 -7.73 -5.87 -1.80
N LEU A 318 -7.49 -7.12 -1.39
CA LEU A 318 -6.86 -8.08 -2.32
C LEU A 318 -7.71 -8.32 -3.59
N LYS A 319 -9.03 -8.45 -3.40
CA LYS A 319 -9.95 -8.65 -4.53
C LYS A 319 -9.82 -7.54 -5.59
N ALA A 320 -9.68 -6.30 -5.12
CA ALA A 320 -9.44 -5.14 -5.95
C ALA A 320 -8.06 -5.17 -6.62
N ILE A 321 -7.04 -5.67 -5.90
CA ILE A 321 -5.71 -5.73 -6.50
C ILE A 321 -5.76 -6.69 -7.70
N VAL A 322 -6.47 -7.81 -7.47
CA VAL A 322 -6.57 -8.84 -8.49
C VAL A 322 -7.46 -8.34 -9.66
N ALA A 323 -8.55 -7.61 -9.41
CA ALA A 323 -9.43 -7.08 -10.46
C ALA A 323 -8.69 -6.09 -11.32
N GLU A 324 -7.78 -5.30 -10.70
CA GLU A 324 -6.97 -4.38 -11.49
C GLU A 324 -6.00 -5.14 -12.39
N ALA A 325 -5.36 -6.18 -11.84
CA ALA A 325 -4.43 -6.99 -12.62
C ALA A 325 -5.14 -7.63 -13.80
N THR A 326 -6.33 -8.18 -13.53
CA THR A 326 -7.16 -8.88 -14.55
C THR A 326 -7.72 -7.92 -15.62
N GLY A 327 -8.03 -6.68 -15.27
CA GLY A 327 -8.58 -5.70 -16.22
C GLY A 327 -7.49 -4.96 -17.00
N ALA A 328 -6.23 -5.26 -16.73
CA ALA A 328 -5.09 -4.80 -17.53
C ALA A 328 -4.72 -5.87 -18.55
N THR B 20 18.46 1.38 -21.03
CA THR B 20 17.01 1.42 -21.36
C THR B 20 16.15 1.23 -20.10
N HIS B 21 15.22 2.16 -19.92
CA HIS B 21 14.21 2.08 -18.89
C HIS B 21 12.83 1.91 -19.52
N TYR B 22 12.01 1.03 -18.97
CA TYR B 22 10.67 0.82 -19.50
C TYR B 22 9.90 2.13 -19.64
N THR B 23 9.40 2.42 -20.88
CA THR B 23 8.68 3.62 -21.22
C THR B 23 7.45 3.18 -22.04
N ARG B 24 6.24 3.63 -21.68
CA ARG B 24 5.09 3.24 -22.45
C ARG B 24 5.25 3.84 -23.84
N PRO B 25 4.72 3.19 -24.88
CA PRO B 25 4.73 3.81 -26.21
C PRO B 25 4.15 5.23 -26.27
N ASP B 26 3.01 5.47 -25.66
CA ASP B 26 2.36 6.79 -25.71
C ASP B 26 3.16 7.84 -24.98
N VAL B 27 3.84 7.48 -23.89
CA VAL B 27 4.75 8.38 -23.21
C VAL B 27 5.97 8.71 -24.09
N ALA B 28 6.58 7.71 -24.73
CA ALA B 28 7.68 7.96 -25.69
C ALA B 28 7.26 8.91 -26.79
N ALA B 29 6.04 8.77 -27.29
CA ALA B 29 5.50 9.58 -28.35
C ALA B 29 5.33 11.02 -27.87
N PHE B 30 4.89 11.20 -26.61
CA PHE B 30 4.72 12.53 -26.06
C PHE B 30 6.07 13.19 -25.85
N LEU B 31 7.06 12.44 -25.40
CA LEU B 31 8.39 12.99 -25.12
C LEU B 31 9.08 13.36 -26.43
N ALA B 32 8.82 12.58 -27.49
CA ALA B 32 9.39 12.96 -28.81
C ALA B 32 8.86 14.34 -29.27
N PHE B 33 7.55 14.56 -29.10
CA PHE B 33 6.93 15.84 -29.31
C PHE B 33 7.61 16.92 -28.43
N LEU B 34 7.66 16.71 -27.11
CA LEU B 34 8.22 17.68 -26.20
C LEU B 34 9.66 18.05 -26.56
N ASN B 35 10.45 17.08 -27.01
CA ASN B 35 11.86 17.31 -27.29
C ASN B 35 12.05 18.05 -28.58
N ALA B 36 11.05 18.06 -29.45
CA ALA B 36 11.17 18.71 -30.75
C ALA B 36 10.71 20.16 -30.65
N GLN B 37 10.11 20.56 -29.54
CA GLN B 37 9.59 21.94 -29.42
C GLN B 37 10.74 22.96 -29.43
N GLU B 38 10.48 24.10 -30.06
CA GLU B 38 11.52 25.09 -30.19
C GLU B 38 11.13 26.23 -29.25
N GLY B 39 12.11 27.07 -29.00
CA GLY B 39 11.93 28.21 -28.14
C GLY B 39 12.62 27.94 -26.81
N PRO B 40 12.60 28.90 -25.90
CA PRO B 40 13.30 28.70 -24.64
C PRO B 40 12.66 27.65 -23.74
N LYS B 41 13.54 27.04 -22.98
CA LYS B 41 13.19 26.13 -21.91
C LYS B 41 12.68 26.91 -20.72
N MET B 42 11.79 26.26 -19.96
CA MET B 42 11.23 26.91 -18.81
C MET B 42 12.29 27.64 -17.97
N GLU B 43 13.44 27.03 -17.78
CA GLU B 43 14.41 27.56 -16.86
C GLU B 43 15.11 28.78 -17.42
N GLU B 44 14.95 29.09 -18.71
CA GLU B 44 15.46 30.32 -19.27
C GLU B 44 14.48 31.49 -19.12
N MET B 45 13.32 31.26 -18.47
CA MET B 45 12.24 32.25 -18.48
C MET B 45 12.10 32.94 -17.14
N PRO B 46 11.43 34.12 -17.09
CA PRO B 46 11.01 34.70 -15.85
C PRO B 46 9.74 33.97 -15.39
N PRO B 47 9.30 34.11 -14.12
CA PRO B 47 8.09 33.42 -13.62
C PRO B 47 6.89 33.56 -14.51
N ALA B 48 6.56 34.75 -14.97
CA ALA B 48 5.35 34.91 -15.79
C ALA B 48 5.44 34.10 -17.10
N GLY B 49 6.62 33.93 -17.69
CA GLY B 49 6.76 33.14 -18.91
C GLY B 49 6.61 31.64 -18.64
N ALA B 50 7.14 31.18 -17.47
CA ALA B 50 7.00 29.78 -17.07
C ALA B 50 5.51 29.47 -16.80
N ARG B 51 4.81 30.46 -16.32
CA ARG B 51 3.44 30.29 -15.88
C ARG B 51 2.59 30.13 -17.13
N GLU B 52 2.91 30.91 -18.19
CA GLU B 52 2.20 30.82 -19.45
C GLU B 52 2.45 29.46 -20.07
N MET B 53 3.70 29.01 -19.96
CA MET B 53 4.14 27.76 -20.59
C MET B 53 3.29 26.60 -20.07
N MET B 54 3.11 26.56 -18.76
CA MET B 54 2.27 25.54 -18.18
C MET B 54 0.81 25.69 -18.61
N ARG B 55 0.29 26.92 -18.77
CA ARG B 55 -1.13 27.06 -19.11
C ARG B 55 -1.35 26.52 -20.50
N VAL B 56 -0.42 26.83 -21.41
CA VAL B 56 -0.51 26.44 -22.79
C VAL B 56 -0.38 24.92 -22.92
N MET B 57 0.57 24.36 -22.18
CA MET B 57 0.75 22.91 -22.12
C MET B 57 -0.59 22.22 -21.80
N GLY B 58 -1.31 22.68 -20.75
CA GLY B 58 -2.57 22.09 -20.34
C GLY B 58 -3.63 22.22 -21.42
N GLN B 59 -3.64 23.37 -22.13
CA GLN B 59 -4.64 23.60 -23.17
C GLN B 59 -4.42 22.61 -24.29
N LEU B 60 -3.16 22.33 -24.61
CA LEU B 60 -2.82 21.45 -25.71
C LEU B 60 -2.91 19.99 -25.29
N ALA B 61 -2.56 19.64 -24.04
CA ALA B 61 -2.25 18.25 -23.75
C ALA B 61 -3.04 17.69 -22.57
N ASP B 62 -3.89 18.51 -21.93
CA ASP B 62 -4.81 17.99 -20.90
C ASP B 62 -6.19 17.86 -21.53
N VAL B 63 -7.03 17.07 -20.86
CA VAL B 63 -8.42 16.92 -21.24
C VAL B 63 -9.19 18.18 -20.80
N PRO B 64 -10.45 18.34 -21.24
CA PRO B 64 -11.30 19.39 -20.71
C PRO B 64 -11.86 19.02 -19.33
N ARG B 65 -12.35 20.06 -18.66
CA ARG B 65 -12.98 19.97 -17.36
C ARG B 65 -14.08 18.92 -17.41
N GLY B 66 -14.85 18.94 -18.51
CA GLY B 66 -15.94 18.02 -18.69
C GLY B 66 -17.11 18.45 -17.84
N GLU B 67 -18.21 17.67 -17.93
CA GLU B 67 -19.45 17.96 -17.21
C GLU B 67 -19.28 17.70 -15.72
N ILE B 68 -19.67 18.71 -14.95
CA ILE B 68 -19.70 18.62 -13.51
C ILE B 68 -20.79 19.53 -12.97
N ALA B 69 -21.45 19.10 -11.89
CA ALA B 69 -22.67 19.77 -11.44
C ALA B 69 -22.39 21.17 -10.91
N LYS B 70 -21.36 21.37 -10.08
CA LYS B 70 -21.12 22.65 -9.42
C LYS B 70 -19.62 22.96 -9.38
N VAL B 71 -19.27 24.17 -9.78
CA VAL B 71 -17.96 24.75 -9.60
C VAL B 71 -18.11 26.20 -9.14
N GLU B 72 -17.60 26.52 -7.94
CA GLU B 72 -17.67 27.86 -7.39
C GLU B 72 -16.29 28.39 -6.96
N ASP B 73 -16.00 29.66 -7.24
CA ASP B 73 -14.80 30.35 -6.78
C ASP B 73 -15.21 31.21 -5.59
N ARG B 74 -14.30 31.33 -4.63
CA ARG B 74 -14.51 32.10 -3.43
C ARG B 74 -13.17 32.57 -2.88
N MET B 75 -13.17 33.70 -2.19
CA MET B 75 -11.98 34.20 -1.55
C MET B 75 -12.21 33.95 -0.06
N ILE B 76 -11.18 33.53 0.66
CA ILE B 76 -11.31 33.24 2.09
C ILE B 76 -10.22 34.00 2.78
N PRO B 77 -10.33 34.29 4.09
CA PRO B 77 -9.27 35.03 4.78
C PRO B 77 -8.02 34.19 4.98
N GLY B 78 -6.86 34.81 4.82
CA GLY B 78 -5.64 34.15 5.18
C GLY B 78 -4.71 35.08 5.93
N PRO B 79 -3.62 34.55 6.51
CA PRO B 79 -2.73 35.37 7.33
C PRO B 79 -1.99 36.49 6.59
N ASP B 80 -1.86 36.43 5.27
CA ASP B 80 -1.26 37.52 4.49
C ASP B 80 -2.28 38.10 3.50
N GLY B 81 -3.58 37.90 3.72
CA GLY B 81 -4.49 38.36 2.69
C GLY B 81 -5.38 37.22 2.21
N ASP B 82 -6.25 37.52 1.26
CA ASP B 82 -7.26 36.60 0.81
C ASP B 82 -6.57 35.43 0.11
N ILE B 83 -7.14 34.25 0.33
CA ILE B 83 -6.71 33.05 -0.41
C ILE B 83 -7.84 32.63 -1.34
N PRO B 84 -7.64 32.61 -2.68
CA PRO B 84 -8.62 32.13 -3.63
C PRO B 84 -8.71 30.61 -3.54
N ILE B 85 -9.93 30.09 -3.50
CA ILE B 85 -10.16 28.65 -3.57
C ILE B 85 -11.25 28.38 -4.61
N ARG B 86 -11.37 27.12 -5.07
CA ARG B 86 -12.38 26.70 -6.02
C ARG B 86 -12.93 25.37 -5.55
N LEU B 87 -14.26 25.32 -5.41
CA LEU B 87 -14.99 24.13 -5.03
C LEU B 87 -15.56 23.42 -6.25
N TYR B 88 -15.30 22.11 -6.37
CA TYR B 88 -15.89 21.25 -7.37
C TYR B 88 -16.83 20.24 -6.67
N ASP B 89 -18.07 20.07 -7.14
CA ASP B 89 -18.93 19.05 -6.54
C ASP B 89 -19.85 18.54 -7.62
N ASN B 90 -19.84 17.23 -7.85
CA ASN B 90 -20.70 16.62 -8.84
C ASN B 90 -22.01 16.15 -8.19
N ARG B 91 -22.21 16.40 -6.90
CA ARG B 91 -23.45 15.98 -6.24
C ARG B 91 -23.72 16.92 -5.06
N PRO B 92 -24.04 18.20 -5.35
CA PRO B 92 -24.09 19.25 -4.37
C PRO B 92 -25.22 19.15 -3.35
N ASP B 93 -26.21 18.27 -3.58
CA ASP B 93 -27.25 18.05 -2.57
C ASP B 93 -26.86 16.90 -1.61
N ARG B 94 -25.60 16.48 -1.67
CA ARG B 94 -25.07 15.44 -0.80
C ARG B 94 -25.31 15.72 0.67
N GLU B 95 -25.37 14.63 1.45
CA GLU B 95 -25.30 14.64 2.89
C GLU B 95 -23.87 15.00 3.27
N ALA B 96 -23.69 15.48 4.50
CA ALA B 96 -22.34 15.84 4.94
C ALA B 96 -21.46 14.59 4.93
N GLY B 97 -20.28 14.71 4.30
CA GLY B 97 -19.35 13.60 4.15
C GLY B 97 -17.94 14.17 4.06
N PRO B 98 -16.92 13.38 3.75
CA PRO B 98 -15.56 13.92 3.63
C PRO B 98 -15.49 14.89 2.45
N VAL B 99 -14.44 15.72 2.52
CA VAL B 99 -14.12 16.71 1.54
C VAL B 99 -12.64 16.58 1.22
N MET B 100 -12.28 16.72 -0.06
CA MET B 100 -10.85 16.75 -0.43
C MET B 100 -10.40 18.19 -0.53
N VAL B 101 -9.17 18.47 0.00
CA VAL B 101 -8.51 19.74 -0.18
C VAL B 101 -7.25 19.45 -1.03
N PHE B 102 -7.17 20.12 -2.20
CA PHE B 102 -6.18 19.83 -3.22
C PHE B 102 -5.23 21.01 -3.37
N TYR B 103 -3.95 20.72 -3.42
CA TYR B 103 -2.87 21.72 -3.54
C TYR B 103 -2.15 21.37 -4.85
N HIS B 104 -2.25 22.24 -5.85
CA HIS B 104 -1.67 21.97 -7.16
C HIS B 104 -0.12 22.05 -7.10
N GLY B 105 0.53 21.47 -8.10
CA GLY B 105 1.99 21.46 -8.20
C GLY B 105 2.37 22.58 -9.17
N GLY B 106 3.63 22.62 -9.48
CA GLY B 106 4.24 23.71 -10.22
C GLY B 106 5.48 24.28 -9.52
N GLY B 107 6.14 23.44 -8.72
CA GLY B 107 7.43 23.78 -8.10
C GLY B 107 7.40 25.04 -7.21
N TRP B 108 6.20 25.34 -6.65
CA TRP B 108 5.96 26.47 -5.76
C TRP B 108 6.13 27.81 -6.47
N VAL B 109 6.14 27.79 -7.81
CA VAL B 109 6.32 28.98 -8.62
C VAL B 109 5.20 29.13 -9.64
N ILE B 110 4.80 28.02 -10.25
CA ILE B 110 3.81 28.04 -11.32
C ILE B 110 2.61 27.18 -10.93
N GLY B 111 1.65 27.14 -11.85
CA GLY B 111 0.36 26.50 -11.57
C GLY B 111 -0.63 27.41 -10.86
N ASP B 112 -1.89 27.09 -11.07
CA ASP B 112 -2.97 27.89 -10.49
C ASP B 112 -4.26 27.05 -10.49
N LEU B 113 -5.40 27.69 -10.34
CA LEU B 113 -6.67 26.94 -10.33
C LEU B 113 -7.03 26.44 -11.72
N GLU B 114 -6.50 27.07 -12.80
CA GLU B 114 -6.83 26.67 -14.17
C GLU B 114 -5.99 25.45 -14.62
N THR B 115 -4.71 25.43 -14.25
CA THR B 115 -3.78 24.41 -14.72
C THR B 115 -4.20 23.01 -14.29
N HIS B 116 -4.82 22.87 -13.10
CA HIS B 116 -5.16 21.58 -12.54
C HIS B 116 -6.68 21.40 -12.53
N ASP B 117 -7.36 22.29 -13.25
CA ASP B 117 -8.83 22.27 -13.27
C ASP B 117 -9.33 20.92 -13.79
N PRO B 118 -8.88 20.37 -14.94
CA PRO B 118 -9.41 19.09 -15.42
C PRO B 118 -9.32 17.94 -14.40
N TYR B 119 -8.18 17.83 -13.75
CA TYR B 119 -7.92 16.78 -12.78
C TYR B 119 -8.81 16.94 -11.57
N CYS B 120 -8.99 18.20 -11.08
CA CYS B 120 -9.85 18.39 -9.90
C CYS B 120 -11.29 18.02 -10.22
N ALA B 121 -11.76 18.28 -11.45
CA ALA B 121 -13.13 17.96 -11.81
C ALA B 121 -13.28 16.45 -11.91
N GLU B 122 -12.27 15.80 -12.47
CA GLU B 122 -12.25 14.35 -12.58
C GLU B 122 -12.28 13.71 -11.20
N ALA B 123 -11.40 14.19 -10.29
CA ALA B 123 -11.33 13.72 -8.90
C ALA B 123 -12.72 13.81 -8.27
N ALA B 124 -13.43 14.94 -8.51
CA ALA B 124 -14.70 15.11 -7.83
C ALA B 124 -15.70 14.09 -8.34
N ARG B 125 -15.66 13.83 -9.65
CA ARG B 125 -16.57 12.89 -10.28
C ARG B 125 -16.30 11.47 -9.77
N ILE B 126 -15.03 11.07 -9.73
CA ILE B 126 -14.74 9.69 -9.44
C ILE B 126 -14.89 9.43 -7.93
N LEU B 127 -14.42 10.37 -7.08
CA LEU B 127 -14.43 10.18 -5.63
C LEU B 127 -15.84 10.37 -5.08
N ASP B 128 -16.71 11.09 -5.81
CA ASP B 128 -18.00 11.52 -5.26
C ASP B 128 -17.82 12.19 -3.90
N MET B 129 -16.89 13.14 -3.83
CA MET B 129 -16.81 14.05 -2.70
C MET B 129 -16.45 15.41 -3.29
N PRO B 130 -16.73 16.51 -2.57
CA PRO B 130 -16.34 17.81 -3.03
C PRO B 130 -14.83 17.89 -2.98
N VAL B 131 -14.27 18.60 -3.92
CA VAL B 131 -12.85 18.92 -3.96
C VAL B 131 -12.71 20.44 -3.93
N ILE B 132 -11.86 20.91 -3.02
CA ILE B 132 -11.59 22.32 -2.87
C ILE B 132 -10.13 22.50 -3.21
N ALA B 133 -9.86 23.13 -4.33
CA ALA B 133 -8.49 23.50 -4.66
C ALA B 133 -8.11 24.84 -4.08
N ILE B 134 -6.84 24.94 -3.61
CA ILE B 134 -6.26 26.12 -2.99
C ILE B 134 -5.30 26.85 -3.94
N ASP B 135 -5.55 28.13 -4.21
CA ASP B 135 -4.64 28.99 -4.95
C ASP B 135 -3.66 29.68 -4.01
N TYR B 136 -2.70 28.91 -3.49
CA TYR B 136 -1.73 29.40 -2.52
C TYR B 136 -0.71 30.33 -3.18
N ARG B 137 -0.10 31.14 -2.34
CA ARG B 137 0.87 32.12 -2.78
C ARG B 137 2.11 31.39 -3.30
N LEU B 138 2.63 31.96 -4.41
CA LEU B 138 3.71 31.44 -5.21
C LEU B 138 4.97 32.29 -5.11
N ALA B 139 6.08 31.59 -5.22
CA ALA B 139 7.38 32.21 -5.26
C ALA B 139 7.64 32.59 -6.72
N PRO B 140 8.58 33.53 -7.02
CA PRO B 140 9.40 34.21 -6.02
C PRO B 140 8.74 35.44 -5.36
N GLU B 141 7.53 35.79 -5.82
CA GLU B 141 6.89 36.97 -5.26
C GLU B 141 6.69 36.71 -3.76
N HIS B 142 6.39 35.46 -3.42
CA HIS B 142 6.16 35.05 -2.03
C HIS B 142 6.94 33.78 -1.81
N PRO B 143 8.19 33.86 -1.32
CA PRO B 143 8.98 32.67 -1.14
C PRO B 143 8.54 31.88 0.07
N PHE B 144 9.11 30.66 0.15
CA PHE B 144 9.04 29.85 1.35
C PHE B 144 9.10 30.76 2.57
N PRO B 145 8.25 30.60 3.62
CA PRO B 145 7.21 29.56 3.68
C PRO B 145 5.75 29.96 3.42
N ALA B 146 5.55 30.82 2.41
CA ALA B 146 4.22 31.32 2.09
C ALA B 146 3.28 30.21 1.66
N ALA B 147 3.72 29.35 0.71
CA ALA B 147 2.89 28.21 0.29
C ALA B 147 2.41 27.39 1.50
N PRO B 148 3.23 26.78 2.37
CA PRO B 148 2.72 25.98 3.46
C PRO B 148 1.86 26.77 4.45
N ILE B 149 2.14 28.08 4.61
CA ILE B 149 1.32 28.88 5.50
C ILE B 149 -0.10 28.99 4.95
N ASP B 150 -0.20 29.30 3.66
CA ASP B 150 -1.50 29.41 3.00
C ASP B 150 -2.24 28.08 2.96
N CYS B 151 -1.52 26.99 2.60
CA CYS B 151 -2.18 25.69 2.51
C CYS B 151 -2.75 25.28 3.85
N GLU B 152 -2.00 25.50 4.92
CA GLU B 152 -2.50 25.16 6.24
C GLU B 152 -3.69 26.02 6.63
N ALA B 153 -3.58 27.33 6.38
CA ALA B 153 -4.66 28.22 6.84
C ALA B 153 -5.95 27.89 6.06
N ALA B 154 -5.83 27.68 4.73
CA ALA B 154 -7.00 27.32 3.90
C ALA B 154 -7.65 26.01 4.38
N THR B 155 -6.81 25.03 4.75
CA THR B 155 -7.31 23.74 5.20
C THR B 155 -8.07 23.86 6.53
N ARG B 156 -7.52 24.62 7.49
CA ARG B 156 -8.22 24.91 8.74
C ARG B 156 -9.53 25.65 8.46
N TRP B 157 -9.55 26.53 7.46
CA TRP B 157 -10.75 27.30 7.11
C TRP B 157 -11.80 26.35 6.59
N VAL B 158 -11.41 25.38 5.70
CA VAL B 158 -12.40 24.45 5.18
C VAL B 158 -13.01 23.69 6.37
N ALA B 159 -12.16 23.23 7.26
CA ALA B 159 -12.67 22.45 8.39
C ALA B 159 -13.59 23.26 9.30
N ASP B 160 -13.33 24.55 9.43
CA ASP B 160 -14.12 25.43 10.28
C ASP B 160 -15.42 25.86 9.60
N ASN B 161 -15.50 25.86 8.25
CA ASN B 161 -16.54 26.57 7.53
C ASN B 161 -17.35 25.72 6.56
N ILE B 162 -16.83 24.59 6.07
CA ILE B 162 -17.50 23.81 5.05
C ILE B 162 -18.17 22.60 5.71
N ALA B 163 -19.37 22.24 5.28
CA ALA B 163 -20.02 21.10 5.91
C ALA B 163 -19.27 19.83 5.46
N CYS B 164 -18.69 19.11 6.44
CA CYS B 164 -17.98 17.86 6.19
C CYS B 164 -17.79 17.06 7.48
N THR B 165 -17.36 15.79 7.34
CA THR B 165 -17.08 14.91 8.46
C THR B 165 -15.57 14.65 8.63
N GLY B 166 -14.77 15.11 7.64
CA GLY B 166 -13.36 14.81 7.61
C GLY B 166 -12.77 15.31 6.30
N LEU B 167 -11.47 15.45 6.32
CA LEU B 167 -10.68 15.95 5.23
C LEU B 167 -9.81 14.87 4.57
N VAL B 168 -9.67 15.00 3.23
CA VAL B 168 -8.73 14.17 2.48
C VAL B 168 -7.78 15.15 1.77
N LEU B 169 -6.50 15.15 2.10
CA LEU B 169 -5.56 16.12 1.54
C LEU B 169 -4.84 15.46 0.36
N SER B 170 -4.66 16.23 -0.70
CA SER B 170 -4.02 15.64 -1.89
C SER B 170 -3.39 16.75 -2.72
N GLY B 171 -2.47 16.36 -3.59
CA GLY B 171 -1.70 17.32 -4.38
C GLY B 171 -0.52 16.67 -5.05
N ASP B 172 -0.10 17.28 -6.17
CA ASP B 172 0.92 16.70 -7.03
C ASP B 172 2.24 17.48 -6.92
N SER B 173 3.36 16.77 -6.79
CA SER B 173 4.73 17.36 -6.87
C SER B 173 4.96 18.34 -5.70
N ALA B 174 5.04 19.66 -5.95
CA ALA B 174 5.05 20.69 -4.89
C ALA B 174 3.84 20.51 -3.98
N GLY B 175 2.69 20.26 -4.64
CA GLY B 175 1.44 20.01 -3.96
C GLY B 175 1.42 18.72 -3.14
N GLY B 176 2.24 17.77 -3.57
CA GLY B 176 2.46 16.56 -2.83
C GLY B 176 3.24 16.83 -1.57
N ASN B 177 4.32 17.64 -1.66
CA ASN B 177 4.94 18.12 -0.44
C ASN B 177 3.91 18.83 0.46
N LEU B 178 3.08 19.69 -0.12
CA LEU B 178 2.19 20.47 0.73
C LEU B 178 1.13 19.58 1.40
N THR B 179 0.66 18.53 0.72
CA THR B 179 -0.18 17.52 1.33
C THR B 179 0.41 16.95 2.61
N ILE B 180 1.66 16.43 2.51
CA ILE B 180 2.37 15.84 3.63
C ILE B 180 2.58 16.83 4.79
N VAL B 181 3.11 17.99 4.39
CA VAL B 181 3.46 19.04 5.33
C VAL B 181 2.23 19.54 6.06
N THR B 182 1.09 19.68 5.35
CA THR B 182 -0.15 20.12 6.00
C THR B 182 -0.70 19.05 6.90
N ALA B 183 -0.61 17.76 6.46
CA ALA B 183 -1.02 16.64 7.27
C ALA B 183 -0.22 16.58 8.56
N LEU B 184 1.12 16.82 8.50
CA LEU B 184 1.89 16.83 9.73
C LEU B 184 1.46 17.96 10.67
N ALA B 185 1.16 19.13 10.09
CA ALA B 185 0.77 20.26 10.94
C ALA B 185 -0.53 19.98 11.67
N LEU B 186 -1.46 19.34 10.97
CA LEU B 186 -2.77 19.02 11.54
C LEU B 186 -2.69 17.84 12.47
N ARG B 187 -1.77 16.92 12.22
CA ARG B 187 -1.49 15.88 13.20
C ARG B 187 -1.13 16.50 14.55
N ASP B 188 -0.19 17.45 14.56
CA ASP B 188 0.41 18.00 15.78
C ASP B 188 -0.59 18.94 16.47
N GLU B 189 -1.35 19.71 15.66
CA GLU B 189 -2.40 20.59 16.17
C GLU B 189 -3.70 20.40 15.37
N PRO B 190 -4.60 19.48 15.79
CA PRO B 190 -5.82 19.15 15.06
C PRO B 190 -6.66 20.32 14.59
N ALA B 191 -7.24 20.18 13.40
CA ALA B 191 -8.25 21.07 12.86
C ALA B 191 -9.56 20.62 13.49
N ALA B 192 -10.64 21.34 13.19
CA ALA B 192 -11.94 21.03 13.76
C ALA B 192 -12.42 19.70 13.20
N LYS B 193 -11.81 19.21 12.09
CA LYS B 193 -12.18 17.92 11.54
C LYS B 193 -10.91 17.10 11.35
N PRO B 194 -10.98 15.76 11.49
CA PRO B 194 -9.79 14.93 11.27
C PRO B 194 -9.37 14.86 9.80
N VAL B 195 -8.07 14.71 9.53
CA VAL B 195 -7.61 14.28 8.23
C VAL B 195 -7.75 12.75 8.16
N ILE B 196 -8.67 12.24 7.33
CA ILE B 196 -8.93 10.81 7.29
C ILE B 196 -8.03 10.06 6.33
N ALA B 197 -7.48 10.73 5.32
CA ALA B 197 -6.52 10.12 4.40
C ALA B 197 -5.77 11.21 3.68
N ILE B 198 -4.60 10.83 3.16
CA ILE B 198 -3.88 11.71 2.26
C ILE B 198 -3.46 10.98 1.02
N HIS B 199 -3.26 11.80 -0.04
CA HIS B 199 -2.97 11.30 -1.35
C HIS B 199 -1.90 12.18 -1.98
N PRO B 200 -0.64 12.11 -1.54
CA PRO B 200 0.45 12.78 -2.27
C PRO B 200 0.72 12.14 -3.62
N ILE B 201 0.78 12.95 -4.67
CA ILE B 201 1.04 12.44 -6.00
C ILE B 201 2.45 12.92 -6.46
N TYR B 202 3.32 11.99 -6.88
CA TYR B 202 4.71 12.20 -7.21
C TYR B 202 5.26 13.38 -6.41
N PRO B 203 5.26 13.25 -5.05
CA PRO B 203 5.66 14.31 -4.16
C PRO B 203 7.17 14.54 -4.11
N ALA B 204 7.50 15.79 -3.80
CA ALA B 204 8.81 16.18 -3.31
C ALA B 204 8.75 16.11 -1.78
N VAL B 205 9.77 15.54 -1.14
CA VAL B 205 9.80 15.37 0.31
C VAL B 205 11.13 15.80 0.89
N THR B 206 12.04 16.27 0.03
CA THR B 206 13.32 16.79 0.49
C THR B 206 13.87 17.78 -0.53
N THR B 207 15.00 18.43 -0.19
CA THR B 207 15.55 19.44 -1.07
C THR B 207 16.74 18.89 -1.84
N HIS B 208 17.28 17.75 -1.46
CA HIS B 208 18.52 17.27 -2.07
C HIS B 208 18.25 16.34 -3.25
N ASN B 209 19.28 16.14 -4.09
CA ASN B 209 19.16 15.42 -5.34
C ASN B 209 19.95 14.13 -5.35
N ASP B 210 20.34 13.64 -4.17
CA ASP B 210 21.15 12.44 -4.10
C ASP B 210 20.27 11.19 -4.14
N TRP B 211 19.81 10.90 -5.34
CA TRP B 211 18.84 9.86 -5.65
C TRP B 211 19.23 9.31 -7.01
N GLN B 212 19.22 7.99 -7.16
CA GLN B 212 19.50 7.38 -8.44
C GLN B 212 18.50 7.85 -9.49
N SER B 213 17.21 8.00 -9.14
CA SER B 213 16.19 8.41 -10.12
C SER B 213 16.46 9.82 -10.67
N TYR B 214 17.10 10.67 -9.87
CA TYR B 214 17.45 11.99 -10.31
C TYR B 214 18.50 11.86 -11.40
N ARG B 215 19.47 10.97 -11.16
CA ARG B 215 20.61 10.82 -12.08
C ARG B 215 20.15 10.14 -13.36
N ASP B 216 19.17 9.23 -13.22
CA ASP B 216 18.66 8.48 -14.34
C ASP B 216 17.71 9.32 -15.18
N PHE B 217 16.85 10.16 -14.60
CA PHE B 217 15.73 10.71 -15.35
C PHE B 217 15.72 12.24 -15.43
N GLY B 218 16.81 12.87 -14.96
CA GLY B 218 16.92 14.31 -14.83
C GLY B 218 17.09 15.02 -16.18
N GLU B 219 17.16 14.27 -17.25
CA GLU B 219 17.11 14.81 -18.62
C GLU B 219 16.02 14.08 -19.42
N GLY B 220 15.30 14.83 -20.23
CA GLY B 220 14.51 14.32 -21.35
C GLY B 220 13.16 13.76 -20.88
N HIS B 221 12.79 13.93 -19.58
CA HIS B 221 11.53 13.41 -19.09
C HIS B 221 10.68 14.48 -18.39
N LEU B 222 10.60 15.65 -19.05
CA LEU B 222 9.81 16.81 -18.72
C LEU B 222 10.40 17.55 -17.52
N LEU B 223 10.40 16.94 -16.34
CA LEU B 223 10.98 17.55 -15.18
C LEU B 223 12.48 17.34 -15.21
N THR B 224 13.21 18.42 -15.43
CA THR B 224 14.65 18.31 -15.64
C THR B 224 15.44 18.90 -14.48
N GLU B 225 16.74 18.53 -14.38
CA GLU B 225 17.67 19.11 -13.42
C GLU B 225 17.59 20.64 -13.49
N GLY B 226 17.53 21.18 -14.71
CA GLY B 226 17.49 22.63 -14.86
C GLY B 226 16.21 23.25 -14.30
N SER B 227 15.03 22.64 -14.59
CA SER B 227 13.75 23.10 -14.09
C SER B 227 13.72 23.03 -12.56
N MET B 228 14.19 21.92 -12.02
CA MET B 228 14.23 21.72 -10.58
C MET B 228 15.16 22.73 -9.91
N THR B 229 16.30 23.04 -10.54
CA THR B 229 17.16 24.05 -9.94
C THR B 229 16.48 25.44 -9.90
N TRP B 230 15.83 25.80 -11.00
CA TRP B 230 15.13 27.08 -11.15
C TRP B 230 14.00 27.21 -10.11
N PHE B 231 13.20 26.15 -9.96
CA PHE B 231 12.13 26.14 -8.96
C PHE B 231 12.67 26.34 -7.54
N GLY B 232 13.73 25.62 -7.19
CA GLY B 232 14.30 25.66 -5.87
C GLY B 232 14.92 27.01 -5.54
N ASN B 233 15.49 27.66 -6.55
CA ASN B 233 16.15 28.94 -6.43
C ASN B 233 15.13 30.04 -6.17
N HIS B 234 13.97 29.94 -6.83
CA HIS B 234 12.95 30.95 -6.65
C HIS B 234 12.24 30.70 -5.33
N TYR B 235 11.96 29.45 -4.96
CA TYR B 235 11.23 29.14 -3.73
C TYR B 235 12.05 29.43 -2.47
N ALA B 236 13.37 29.19 -2.56
CA ALA B 236 14.29 29.47 -1.46
C ALA B 236 13.84 28.86 -0.12
N ALA B 237 13.57 27.55 -0.14
CA ALA B 237 13.23 26.78 1.05
C ALA B 237 14.45 26.63 1.95
N ASP B 238 14.17 26.61 3.25
CA ASP B 238 15.13 26.27 4.28
C ASP B 238 15.23 24.74 4.40
N PRO B 239 16.35 24.10 4.03
CA PRO B 239 16.44 22.63 4.00
C PRO B 239 16.27 21.94 5.37
N ALA B 240 16.43 22.67 6.49
CA ALA B 240 16.32 22.08 7.82
C ALA B 240 14.88 22.22 8.37
N ASP B 241 13.94 22.81 7.61
CA ASP B 241 12.60 23.06 8.11
C ASP B 241 11.72 21.89 7.66
N ARG B 242 10.88 21.36 8.58
CA ARG B 242 10.03 20.20 8.28
C ARG B 242 9.13 20.50 7.06
N ARG B 243 8.72 21.75 6.85
CA ARG B 243 7.86 22.12 5.73
C ARG B 243 8.57 22.08 4.38
N ALA B 244 9.89 22.02 4.36
CA ALA B 244 10.69 21.78 3.17
C ALA B 244 11.18 20.33 3.02
N ALA B 245 11.38 19.59 4.10
CA ALA B 245 12.04 18.29 4.11
C ALA B 245 11.35 17.38 5.12
N PRO B 246 10.06 17.03 4.89
CA PRO B 246 9.34 16.19 5.83
C PRO B 246 9.92 14.80 5.99
N ILE B 247 10.69 14.32 5.00
CA ILE B 247 11.34 13.02 5.14
C ILE B 247 12.29 13.02 6.37
N ASP B 248 12.71 14.18 6.88
CA ASP B 248 13.70 14.25 7.94
C ASP B 248 13.04 14.31 9.32
N PHE B 249 11.72 14.20 9.41
CA PHE B 249 11.05 14.25 10.69
C PHE B 249 10.07 13.08 10.83
N PRO B 250 9.66 12.71 12.06
CA PRO B 250 8.89 11.51 12.30
C PRO B 250 7.56 11.52 11.54
N ALA B 251 7.13 10.31 11.11
CA ALA B 251 5.89 10.23 10.35
C ALA B 251 4.80 9.51 11.13
N ASP B 252 5.09 9.14 12.38
CA ASP B 252 4.12 8.41 13.19
C ASP B 252 2.86 9.22 13.33
N GLY B 253 1.73 8.55 13.28
CA GLY B 253 0.46 9.16 13.54
C GLY B 253 -0.12 9.87 12.32
N LEU B 254 0.55 9.83 11.16
CA LEU B 254 -0.09 10.34 9.96
C LEU B 254 -1.32 9.50 9.61
N PRO B 255 -2.24 10.06 8.83
CA PRO B 255 -3.40 9.33 8.34
C PRO B 255 -3.02 8.27 7.29
N PRO B 256 -3.92 7.31 7.03
CA PRO B 256 -3.76 6.36 5.90
C PRO B 256 -3.41 7.14 4.63
N THR B 257 -2.43 6.62 3.90
CA THR B 257 -1.74 7.33 2.82
C THR B 257 -1.83 6.50 1.58
N LEU B 258 -2.17 7.16 0.48
CA LEU B 258 -1.98 6.61 -0.85
C LEU B 258 -0.89 7.43 -1.56
N LEU B 259 0.29 6.86 -1.78
CA LEU B 259 1.35 7.66 -2.42
C LEU B 259 1.68 7.02 -3.76
N ILE B 260 1.68 7.83 -4.82
CA ILE B 260 1.92 7.35 -6.16
C ILE B 260 3.15 8.09 -6.71
N THR B 261 3.99 7.33 -7.40
CA THR B 261 5.15 7.83 -8.10
C THR B 261 4.97 7.52 -9.58
N ALA B 262 5.84 8.16 -10.36
CA ALA B 262 5.98 7.83 -11.77
C ALA B 262 7.35 7.21 -11.95
N SER B 263 7.43 6.08 -12.67
CA SER B 263 8.66 5.31 -12.74
C SER B 263 9.81 6.09 -13.40
N LEU B 264 9.54 7.03 -14.32
CA LEU B 264 10.61 7.76 -15.01
C LEU B 264 10.73 9.20 -14.46
N ASP B 265 10.34 9.41 -13.21
CA ASP B 265 10.42 10.70 -12.52
C ASP B 265 11.72 10.82 -11.72
N PRO B 266 12.46 11.92 -11.84
CA PRO B 266 13.56 12.20 -10.91
C PRO B 266 13.17 12.14 -9.42
N LEU B 267 11.90 12.45 -9.13
CA LEU B 267 11.43 12.42 -7.74
C LEU B 267 11.03 11.03 -7.23
N ARG B 268 11.15 10.02 -8.09
CA ARG B 268 10.60 8.72 -7.77
C ARG B 268 11.14 8.18 -6.46
N ASP B 269 12.46 8.19 -6.33
CA ASP B 269 13.15 7.50 -5.25
C ASP B 269 12.83 8.16 -3.93
N GLN B 270 12.62 9.46 -3.91
CA GLN B 270 12.27 10.08 -2.64
C GLN B 270 10.84 9.71 -2.24
N GLY B 271 9.98 9.61 -3.22
CA GLY B 271 8.62 9.13 -3.00
C GLY B 271 8.64 7.73 -2.43
N ARG B 272 9.43 6.83 -3.07
CA ARG B 272 9.56 5.50 -2.50
C ARG B 272 10.04 5.59 -1.05
N ALA B 273 11.11 6.40 -0.83
CA ALA B 273 11.68 6.47 0.51
C ALA B 273 10.63 6.94 1.53
N TYR B 274 9.80 7.89 1.13
CA TYR B 274 8.81 8.45 2.06
C TYR B 274 7.74 7.39 2.39
N ALA B 275 7.28 6.67 1.38
CA ALA B 275 6.28 5.62 1.57
C ALA B 275 6.85 4.54 2.52
N ALA B 276 8.13 4.22 2.36
CA ALA B 276 8.79 3.23 3.18
C ALA B 276 8.89 3.73 4.63
N LYS B 277 9.18 5.03 4.80
CA LYS B 277 9.21 5.63 6.11
C LYS B 277 7.84 5.56 6.81
N LEU B 278 6.77 5.84 6.10
CA LEU B 278 5.42 5.73 6.66
C LEU B 278 5.16 4.32 7.19
N ILE B 279 5.54 3.31 6.41
CA ILE B 279 5.34 1.94 6.80
C ILE B 279 6.11 1.63 8.08
N GLU B 280 7.39 2.01 8.10
CA GLU B 280 8.22 1.80 9.27
C GLU B 280 7.66 2.45 10.52
N ALA B 281 6.94 3.57 10.34
CA ALA B 281 6.27 4.25 11.43
C ALA B 281 4.88 3.67 11.74
N GLY B 282 4.49 2.56 11.10
CA GLY B 282 3.20 1.97 11.34
C GLY B 282 2.00 2.69 10.73
N VAL B 283 2.22 3.55 9.71
CA VAL B 283 1.09 4.17 9.02
C VAL B 283 0.59 3.29 7.88
N PRO B 284 -0.72 3.00 7.77
CA PRO B 284 -1.29 2.23 6.68
C PRO B 284 -1.07 2.99 5.38
N THR B 285 -0.43 2.31 4.46
CA THR B 285 0.15 2.95 3.28
C THR B 285 -0.17 2.10 2.07
N THR B 286 -0.64 2.73 0.98
CA THR B 286 -0.72 2.09 -0.30
C THR B 286 0.24 2.79 -1.24
N TYR B 287 1.18 2.05 -1.79
CA TYR B 287 2.17 2.58 -2.69
C TYR B 287 1.81 2.12 -4.08
N ARG B 288 1.70 3.06 -5.02
CA ARG B 288 1.48 2.73 -6.40
C ARG B 288 2.62 3.40 -7.21
N GLU B 289 3.07 2.71 -8.25
CA GLU B 289 4.09 3.28 -9.12
C GLU B 289 3.56 3.17 -10.55
N ALA B 290 3.36 4.28 -11.19
CA ALA B 290 2.87 4.37 -12.58
C ALA B 290 4.01 4.00 -13.52
N LYS B 291 4.02 2.75 -13.99
CA LYS B 291 5.18 2.21 -14.62
C LYS B 291 5.20 2.65 -16.08
N GLY B 292 6.31 3.22 -16.45
CA GLY B 292 6.55 3.62 -17.84
C GLY B 292 6.10 5.05 -18.17
N THR B 293 5.79 5.85 -17.17
CA THR B 293 5.38 7.24 -17.40
C THR B 293 6.17 8.18 -16.51
N ILE B 294 5.81 9.48 -16.68
CA ILE B 294 6.63 10.60 -16.32
C ILE B 294 5.96 11.43 -15.21
N HIS B 295 6.79 12.22 -14.55
CA HIS B 295 6.37 13.36 -13.75
C HIS B 295 5.34 14.19 -14.50
N GLY B 296 4.25 14.54 -13.80
CA GLY B 296 3.33 15.54 -14.30
C GLY B 296 2.12 14.99 -15.05
N TYR B 297 2.01 13.63 -15.12
CA TYR B 297 1.05 12.97 -15.97
C TYR B 297 -0.38 13.42 -15.62
N ILE B 298 -0.66 13.82 -14.38
CA ILE B 298 -2.07 14.07 -14.06
C ILE B 298 -2.61 15.31 -14.84
N CYS B 299 -1.75 16.17 -15.42
CA CYS B 299 -2.21 17.27 -16.27
C CYS B 299 -1.96 16.99 -17.75
N LEU B 300 -1.72 15.73 -18.12
CA LEU B 300 -1.30 15.45 -19.50
C LEU B 300 -2.19 14.38 -20.08
N ALA B 301 -3.47 14.34 -19.74
CA ALA B 301 -4.24 13.13 -20.00
C ALA B 301 -4.77 13.05 -21.42
N GLN B 302 -4.59 14.12 -22.20
CA GLN B 302 -4.87 14.08 -23.63
C GLN B 302 -3.64 13.75 -24.46
N GLY B 303 -2.49 14.35 -24.10
CA GLY B 303 -1.19 14.11 -24.72
C GLY B 303 -0.68 12.70 -24.48
N ILE B 304 -1.00 12.17 -23.28
CA ILE B 304 -0.62 10.81 -22.87
C ILE B 304 -1.91 10.11 -22.46
N PRO B 305 -2.59 9.44 -23.39
CA PRO B 305 -3.90 8.82 -23.10
C PRO B 305 -3.85 7.81 -21.93
N SER B 306 -2.70 7.16 -21.68
CA SER B 306 -2.56 6.18 -20.61
C SER B 306 -2.65 6.84 -19.23
N ALA B 307 -2.46 8.17 -19.16
CA ALA B 307 -2.61 8.88 -17.90
C ALA B 307 -4.04 8.78 -17.38
N LYS B 308 -5.05 8.63 -18.26
CA LYS B 308 -6.42 8.44 -17.80
C LYS B 308 -6.55 7.24 -16.87
N ASP B 309 -5.78 6.18 -17.19
CA ASP B 309 -5.80 4.93 -16.43
C ASP B 309 -5.05 5.12 -15.12
N ASP B 310 -3.92 5.86 -15.12
CA ASP B 310 -3.21 6.15 -13.88
C ASP B 310 -4.09 6.96 -12.92
N ILE B 311 -4.79 7.96 -13.47
CA ILE B 311 -5.70 8.79 -12.70
C ILE B 311 -6.86 7.97 -12.11
N ARG B 312 -7.60 7.29 -12.97
CA ARG B 312 -8.73 6.49 -12.53
C ARG B 312 -8.29 5.41 -11.53
N GLY B 313 -7.16 4.76 -11.82
CA GLY B 313 -6.69 3.65 -10.98
C GLY B 313 -6.39 4.11 -9.54
N ALA B 314 -5.69 5.26 -9.44
CA ALA B 314 -5.35 5.81 -8.12
C ALA B 314 -6.63 6.25 -7.36
N LEU B 315 -7.50 6.96 -8.02
CA LEU B 315 -8.68 7.54 -7.41
C LEU B 315 -9.67 6.48 -6.99
N THR B 316 -9.69 5.34 -7.72
CA THR B 316 -10.51 4.21 -7.32
C THR B 316 -10.03 3.64 -5.95
N VAL B 317 -8.71 3.51 -5.82
CA VAL B 317 -8.07 3.03 -4.62
C VAL B 317 -8.32 4.00 -3.47
N LEU B 318 -8.15 5.31 -3.75
CA LEU B 318 -8.42 6.30 -2.72
C LEU B 318 -9.87 6.31 -2.21
N LYS B 319 -10.78 6.13 -3.17
CA LYS B 319 -12.20 6.06 -2.84
C LYS B 319 -12.49 4.92 -1.83
N ALA B 320 -11.89 3.75 -2.05
CA ALA B 320 -11.94 2.65 -1.11
C ALA B 320 -11.31 2.95 0.24
N ILE B 321 -10.16 3.63 0.28
CA ILE B 321 -9.48 3.94 1.54
C ILE B 321 -10.44 4.80 2.37
N VAL B 322 -11.07 5.75 1.68
CA VAL B 322 -12.00 6.67 2.31
C VAL B 322 -13.25 5.91 2.78
N ALA B 323 -13.86 5.04 1.93
CA ALA B 323 -15.06 4.28 2.37
C ALA B 323 -14.76 3.40 3.59
N GLU B 324 -13.53 2.91 3.70
CA GLU B 324 -13.17 2.10 4.87
C GLU B 324 -13.05 2.98 6.11
N ALA B 325 -12.43 4.17 5.98
CA ALA B 325 -12.34 5.08 7.11
C ALA B 325 -13.73 5.44 7.60
N THR B 326 -14.62 5.80 6.66
CA THR B 326 -15.99 6.24 6.99
C THR B 326 -16.85 5.10 7.54
N GLY B 327 -16.60 3.86 7.11
CA GLY B 327 -17.39 2.71 7.57
C GLY B 327 -17.02 2.24 8.96
N ALA B 328 -15.87 2.68 9.47
CA ALA B 328 -15.38 2.22 10.79
C ALA B 328 -15.93 3.12 11.90
C1 XBW C . 7.22 -17.32 14.51
C13 XBW C . -0.95 -19.26 15.94
C14 XBW C . -0.33 -19.69 17.09
C15 XBW C . 1.04 -19.98 17.06
C16 XBW C . 1.75 -19.85 15.88
C2 XBW C . 8.19 -17.36 13.55
C6 XBW C . 5.91 -17.78 14.23
C7 XBW C . 4.21 -18.79 12.61
C3 XBW C . 7.84 -17.93 12.35
N4 XBW C . 6.58 -18.36 12.03
C5 XBW C . 5.63 -18.28 12.96
N8 XBW C . 3.28 -18.70 13.57
O9 XBW C . 4.03 -19.55 11.66
C10 XBW C . 1.92 -19.24 13.41
C11 XBW C . 1.14 -19.41 14.71
C12 XBW C . -0.22 -19.11 14.76
H17 XBW C . 7.45 -16.91 15.49
H25 XBW C . -2.01 -19.04 15.96
H26 XBW C . -0.88 -19.80 18.02
H27 XBW C . 1.53 -20.32 17.96
H28 XBW C . 2.81 -20.07 15.87
H18 XBW C . 9.20 -16.99 13.72
H20 XBW C . 5.15 -17.74 15.00
H19 XBW C . 8.63 -17.99 11.59
H21 XBW C . 3.51 -18.26 14.44
H22 XBW C . 1.98 -20.22 12.96
H23 XBW C . 1.34 -18.58 12.78
H24 XBW C . -0.73 -18.75 13.87
C1 XBW D . 10.32 19.47 -8.62
C13 XBW D . 4.59 20.01 -14.90
C14 XBW D . 5.63 20.79 -15.39
C15 XBW D . 6.55 21.33 -14.52
C16 XBW D . 6.42 21.11 -13.16
C2 XBW D . 10.47 19.79 -7.32
C6 XBW D . 9.09 19.55 -9.23
C7 XBW D . 6.61 20.10 -9.11
C3 XBW D . 9.35 20.19 -6.64
N4 XBW D . 8.13 20.33 -7.20
C5 XBW D . 8.00 19.98 -8.48
N8 XBW D . 6.51 19.89 -10.44
O9 XBW D . 5.74 20.74 -8.53
C10 XBW D . 5.25 20.09 -11.15
C11 XBW D . 5.39 20.34 -12.64
C12 XBW D . 4.48 19.79 -13.54
H17 XBW D . 11.19 19.14 -9.18
H25 XBW D . 3.88 19.59 -15.58
H26 XBW D . 5.72 20.96 -16.46
H27 XBW D . 7.36 21.93 -14.90
H28 XBW D . 7.15 21.55 -12.48
H18 XBW D . 11.43 19.74 -6.83
H20 XBW D . 8.98 19.31 -10.28
H19 XBW D . 9.47 20.48 -5.60
H21 XBW D . 7.32 19.58 -10.94
H22 XBW D . 4.74 20.96 -10.74
H23 XBW D . 4.63 19.22 -11.03
H24 XBW D . 3.66 19.20 -13.16
#